data_7D55
#
_entry.id   7D55
#
_cell.length_a   74.271
_cell.length_b   93.838
_cell.length_c   119.648
_cell.angle_alpha   90.000
_cell.angle_beta   90.000
_cell.angle_gamma   90.000
#
_symmetry.space_group_name_H-M   'I 2 2 2'
#
loop_
_entity.id
_entity.type
_entity.pdbx_description
1 polymer 'Putative N-acetylmuramoyl-L-alanine amidase'
2 water water
#
_entity_poly.entity_id   1
_entity_poly.type   'polypeptide(L)'
_entity_poly.pdbx_seq_one_letter_code
;MYCLYERPINSKTGVLEWNGDAWTVMFCNGVNCRRVSHPDEMKVIEDIYRKNNGKDIPFYSQKEWNKNAPWYNRLETVCP
VVGITKKS
;
_entity_poly.pdbx_strand_id   A,B,C,D
#
# COMPACT_ATOMS: atom_id res chain seq x y z
N MET A 1 -7.33 0.87 4.98
CA MET A 1 -8.40 1.44 4.16
C MET A 1 -8.69 0.58 2.94
N TYR A 2 -9.68 -0.28 3.08
CA TYR A 2 -10.13 -1.17 2.02
C TYR A 2 -11.64 -1.07 1.93
N CYS A 3 -12.16 -1.28 0.72
CA CYS A 3 -13.59 -1.44 0.59
C CYS A 3 -13.89 -2.09 -0.76
N LEU A 4 -15.09 -2.66 -0.85
CA LEU A 4 -15.70 -3.03 -2.11
C LEU A 4 -16.88 -2.09 -2.36
N TYR A 5 -17.15 -1.81 -3.62
CA TYR A 5 -18.28 -0.96 -3.97
C TYR A 5 -18.70 -1.29 -5.39
N GLU A 6 -19.84 -0.74 -5.80
CA GLU A 6 -20.31 -0.91 -7.16
C GLU A 6 -20.38 0.45 -7.85
N ARG A 7 -20.12 0.46 -9.15
CA ARG A 7 -20.15 1.71 -9.91
C ARG A 7 -20.49 1.40 -11.37
N PRO A 8 -20.99 2.38 -12.13
CA PRO A 8 -21.45 2.10 -13.49
C PRO A 8 -20.32 1.80 -14.48
N ILE A 9 -20.68 1.00 -15.48
CA ILE A 9 -19.76 0.61 -16.54
C ILE A 9 -20.56 0.52 -17.83
N ASN A 10 -19.91 0.85 -18.94
CA ASN A 10 -20.53 0.68 -20.25
C ASN A 10 -20.38 -0.79 -20.66
N SER A 11 -21.50 -1.49 -20.78
CA SER A 11 -21.45 -2.94 -21.05
C SER A 11 -20.93 -3.27 -22.44
N LYS A 12 -20.99 -2.32 -23.38
CA LYS A 12 -20.53 -2.59 -24.74
C LYS A 12 -19.07 -2.25 -24.96
N THR A 13 -18.50 -1.36 -24.15
CA THR A 13 -17.11 -0.95 -24.31
C THR A 13 -16.21 -1.32 -23.13
N GLY A 14 -16.77 -1.68 -21.98
CA GLY A 14 -15.96 -1.95 -20.81
C GLY A 14 -15.35 -0.73 -20.15
N VAL A 15 -15.75 0.47 -20.55
CA VAL A 15 -15.22 1.72 -20.01
C VAL A 15 -16.09 2.17 -18.85
N LEU A 16 -15.45 2.63 -17.77
CA LEU A 16 -16.19 3.24 -16.67
C LEU A 16 -16.69 4.61 -17.10
N GLU A 17 -17.99 4.86 -16.92
CA GLU A 17 -18.64 6.10 -17.32
C GLU A 17 -19.69 6.43 -16.29
N TRP A 18 -20.01 7.73 -16.14
CA TRP A 18 -20.95 8.12 -15.09
C TRP A 18 -22.33 7.53 -15.34
N ASN A 19 -22.71 7.36 -16.60
CA ASN A 19 -24.03 6.89 -16.99
C ASN A 19 -23.99 5.51 -17.64
N GLY A 20 -23.07 4.67 -17.16
CA GLY A 20 -23.00 3.32 -17.70
C GLY A 20 -24.33 2.58 -17.56
N ASP A 21 -24.57 1.67 -18.50
CA ASP A 21 -25.82 0.93 -18.52
C ASP A 21 -25.77 -0.33 -17.66
N ALA A 22 -24.60 -0.66 -17.10
CA ALA A 22 -24.46 -1.81 -16.22
C ALA A 22 -23.62 -1.38 -15.02
N TRP A 23 -23.41 -2.33 -14.10
CA TRP A 23 -22.67 -2.06 -12.87
C TRP A 23 -21.57 -3.09 -12.72
N THR A 24 -20.46 -2.66 -12.10
CA THR A 24 -19.38 -3.56 -11.74
C THR A 24 -18.95 -3.32 -10.30
N VAL A 25 -18.54 -4.40 -9.65
CA VAL A 25 -17.87 -4.29 -8.36
C VAL A 25 -16.46 -3.78 -8.60
N MET A 26 -15.97 -2.99 -7.64
CA MET A 26 -14.61 -2.48 -7.62
C MET A 26 -14.04 -2.72 -6.24
N PHE A 27 -12.71 -2.79 -6.18
CA PHE A 27 -11.96 -3.03 -4.96
C PHE A 27 -11.00 -1.86 -4.77
N CYS A 28 -11.06 -1.22 -3.61
CA CYS A 28 -10.14 -0.15 -3.26
C CYS A 28 -9.24 -0.62 -2.14
N ASN A 29 -7.94 -0.39 -2.28
CA ASN A 29 -6.96 -0.79 -1.26
C ASN A 29 -6.27 0.40 -0.62
N GLY A 30 -6.86 1.61 -0.75
CA GLY A 30 -6.21 2.80 -0.25
C GLY A 30 -5.18 3.39 -1.18
N VAL A 31 -4.76 2.65 -2.20
CA VAL A 31 -3.81 3.11 -3.20
C VAL A 31 -4.49 3.28 -4.56
N ASN A 32 -5.27 2.29 -4.99
CA ASN A 32 -5.95 2.35 -6.28
C ASN A 32 -7.30 1.67 -6.16
N CYS A 33 -8.12 1.83 -7.20
CA CYS A 33 -9.39 1.13 -7.33
C CYS A 33 -9.29 0.23 -8.56
N ARG A 34 -9.67 -1.03 -8.39
CA ARG A 34 -9.51 -2.02 -9.46
C ARG A 34 -10.81 -2.77 -9.64
N ARG A 35 -11.14 -3.09 -10.88
CA ARG A 35 -12.38 -3.79 -11.16
C ARG A 35 -12.33 -5.23 -10.68
N VAL A 36 -13.44 -5.69 -10.09
CA VAL A 36 -13.65 -7.06 -9.66
C VAL A 36 -14.69 -7.64 -10.61
N SER A 37 -14.34 -8.72 -11.32
CA SER A 37 -15.22 -9.18 -12.39
C SER A 37 -15.63 -10.64 -12.27
N HIS A 38 -15.36 -11.27 -11.15
CA HIS A 38 -15.78 -12.64 -10.94
C HIS A 38 -16.18 -12.79 -9.48
N PRO A 39 -17.24 -13.54 -9.19
CA PRO A 39 -17.68 -13.68 -7.79
C PRO A 39 -16.59 -14.20 -6.87
N ASP A 40 -15.69 -15.05 -7.37
CA ASP A 40 -14.68 -15.61 -6.50
C ASP A 40 -13.52 -14.64 -6.24
N GLU A 41 -13.37 -13.61 -7.08
CA GLU A 41 -12.46 -12.52 -6.75
C GLU A 41 -12.97 -11.76 -5.53
N MET A 42 -14.28 -11.46 -5.53
CA MET A 42 -14.86 -10.82 -4.36
C MET A 42 -14.71 -11.69 -3.13
N LYS A 43 -14.96 -13.01 -3.28
CA LYS A 43 -14.90 -13.90 -2.13
C LYS A 43 -13.48 -13.97 -1.55
N VAL A 44 -12.45 -14.02 -2.40
CA VAL A 44 -11.10 -14.13 -1.87
C VAL A 44 -10.71 -12.85 -1.14
N ILE A 45 -11.15 -11.70 -1.63
CA ILE A 45 -10.90 -10.44 -0.94
C ILE A 45 -11.56 -10.45 0.43
N GLU A 46 -12.84 -10.87 0.47
CA GLU A 46 -13.57 -10.91 1.74
C GLU A 46 -12.90 -11.85 2.73
N ASP A 47 -12.43 -13.01 2.25
CA ASP A 47 -11.82 -13.99 3.15
C ASP A 47 -10.50 -13.46 3.71
N ILE A 48 -9.65 -12.91 2.86
CA ILE A 48 -8.35 -12.42 3.34
C ILE A 48 -8.55 -11.26 4.29
N TYR A 49 -9.47 -10.35 3.96
CA TYR A 49 -9.72 -9.23 4.86
C TYR A 49 -10.18 -9.74 6.22
N ARG A 50 -11.10 -10.69 6.23
CA ARG A 50 -11.61 -11.23 7.49
C ARG A 50 -10.51 -11.92 8.29
N LYS A 51 -9.64 -12.67 7.61
CA LYS A 51 -8.55 -13.34 8.32
C LYS A 51 -7.60 -12.33 8.95
N ASN A 52 -7.38 -11.18 8.31
CA ASN A 52 -6.50 -10.17 8.87
C ASN A 52 -7.16 -9.41 10.00
N ASN A 53 -8.44 -9.08 9.86
CA ASN A 53 -9.06 -8.03 10.66
C ASN A 53 -10.17 -8.49 11.57
N GLY A 54 -10.67 -9.72 11.42
CA GLY A 54 -11.68 -10.20 12.34
C GLY A 54 -13.07 -9.65 12.13
N LYS A 55 -13.29 -8.94 11.02
CA LYS A 55 -14.61 -8.45 10.65
C LYS A 55 -14.68 -8.39 9.13
N ASP A 56 -15.88 -8.15 8.61
CA ASP A 56 -16.09 -8.12 7.17
C ASP A 56 -15.55 -6.84 6.54
N ILE A 57 -15.07 -6.96 5.30
CA ILE A 57 -14.60 -5.77 4.58
C ILE A 57 -15.77 -4.82 4.37
N PRO A 58 -15.58 -3.51 4.52
CA PRO A 58 -16.66 -2.57 4.19
C PRO A 58 -17.08 -2.71 2.73
N PHE A 59 -18.40 -2.68 2.51
CA PHE A 59 -18.98 -2.77 1.18
C PHE A 59 -20.01 -1.67 1.04
N TYR A 60 -19.95 -0.94 -0.07
CA TYR A 60 -20.95 0.07 -0.36
C TYR A 60 -21.81 -0.46 -1.49
N SER A 61 -23.09 -0.65 -1.22
CA SER A 61 -24.00 -1.15 -2.22
C SER A 61 -24.59 0.01 -3.00
N GLN A 62 -25.40 -0.31 -4.01
CA GLN A 62 -26.07 0.72 -4.79
C GLN A 62 -27.15 1.46 -4.02
N LYS A 63 -27.52 0.99 -2.83
CA LYS A 63 -28.39 1.78 -1.97
C LYS A 63 -27.68 3.04 -1.49
N GLU A 64 -26.38 2.93 -1.21
CA GLU A 64 -25.56 4.01 -0.66
C GLU A 64 -24.91 4.86 -1.76
N TRP A 65 -24.29 4.22 -2.74
CA TRP A 65 -23.53 4.90 -3.78
C TRP A 65 -24.15 4.56 -5.12
N ASN A 66 -24.62 5.57 -5.85
CA ASN A 66 -25.30 5.33 -7.13
C ASN A 66 -25.21 6.62 -7.94
N LYS A 67 -25.92 6.66 -9.08
CA LYS A 67 -25.79 7.84 -9.93
C LYS A 67 -26.38 9.08 -9.30
N ASN A 68 -27.27 8.90 -8.33
CA ASN A 68 -27.85 10.04 -7.62
C ASN A 68 -26.98 10.47 -6.46
N ALA A 69 -26.05 9.62 -6.02
CA ALA A 69 -25.08 9.96 -4.98
C ALA A 69 -23.77 9.25 -5.34
N PRO A 70 -23.05 9.76 -6.34
CA PRO A 70 -21.91 9.04 -6.91
C PRO A 70 -20.62 9.20 -6.12
N TRP A 71 -20.64 8.69 -4.89
CA TRP A 71 -19.48 8.84 -4.01
C TRP A 71 -18.26 8.13 -4.57
N TYR A 72 -18.46 7.11 -5.40
CA TYR A 72 -17.33 6.44 -6.04
C TYR A 72 -16.50 7.43 -6.87
N ASN A 73 -17.11 8.49 -7.41
CA ASN A 73 -16.34 9.53 -8.11
C ASN A 73 -15.29 10.14 -7.19
N ARG A 74 -15.68 10.41 -5.94
CA ARG A 74 -14.75 11.00 -4.98
C ARG A 74 -13.67 10.01 -4.58
N LEU A 75 -14.04 8.76 -4.33
CA LEU A 75 -13.04 7.77 -3.95
C LEU A 75 -12.01 7.57 -5.05
N GLU A 76 -12.48 7.49 -6.30
CA GLU A 76 -11.59 7.25 -7.44
C GLU A 76 -10.71 8.44 -7.78
N THR A 77 -11.02 9.63 -7.26
CA THR A 77 -10.10 10.75 -7.39
C THR A 77 -8.94 10.65 -6.42
N VAL A 78 -9.18 10.10 -5.23
CA VAL A 78 -8.11 9.99 -4.23
C VAL A 78 -7.36 8.67 -4.33
N CYS A 79 -7.99 7.64 -4.87
CA CYS A 79 -7.38 6.32 -5.10
C CYS A 79 -7.69 5.98 -6.55
N PRO A 80 -6.84 6.41 -7.48
CA PRO A 80 -7.20 6.35 -8.90
C PRO A 80 -7.41 4.92 -9.40
N VAL A 81 -8.29 4.81 -10.39
CA VAL A 81 -8.59 3.53 -11.01
CA VAL A 81 -8.58 3.52 -10.97
C VAL A 81 -7.36 3.01 -11.75
N VAL A 82 -7.14 1.71 -11.67
N VAL A 82 -7.16 1.70 -11.73
CA VAL A 82 -6.07 1.06 -12.41
CA VAL A 82 -6.03 1.06 -12.39
C VAL A 82 -6.67 -0.09 -13.20
C VAL A 82 -6.53 -0.19 -13.10
N GLY A 83 -6.00 -0.44 -14.29
CA GLY A 83 -6.34 -1.63 -15.05
C GLY A 83 -7.58 -1.54 -15.90
N ILE A 84 -8.19 -0.36 -16.01
CA ILE A 84 -9.42 -0.19 -16.78
C ILE A 84 -9.48 1.28 -17.19
N THR A 85 -10.12 1.56 -18.32
CA THR A 85 -10.24 2.94 -18.78
C THR A 85 -11.50 3.59 -18.21
N LYS A 86 -11.44 4.90 -18.02
CA LYS A 86 -12.51 5.64 -17.40
C LYS A 86 -12.67 7.00 -18.05
N LYS A 87 -13.93 7.37 -18.28
CA LYS A 87 -14.37 8.69 -18.78
C LYS A 87 -13.40 9.85 -18.55
N MET B 1 1.64 -3.80 7.77
CA MET B 1 3.08 -4.13 7.88
C MET B 1 3.99 -2.93 7.63
N TYR B 2 4.48 -2.39 8.72
CA TYR B 2 5.38 -1.26 8.69
C TYR B 2 6.53 -1.56 9.63
N CYS B 3 7.71 -1.03 9.29
CA CYS B 3 8.80 -1.06 10.27
C CYS B 3 9.83 -0.01 9.90
N LEU B 4 10.63 0.33 10.89
CA LEU B 4 11.86 1.07 10.69
C LEU B 4 13.02 0.13 10.99
N TYR B 5 14.13 0.33 10.29
CA TYR B 5 15.31 -0.50 10.51
C TYR B 5 16.52 0.27 10.02
N GLU B 6 17.70 -0.23 10.36
CA GLU B 6 18.93 0.36 9.86
C GLU B 6 19.68 -0.64 8.99
N ARG B 7 20.40 -0.14 7.99
CA ARG B 7 21.15 -0.99 7.10
C ARG B 7 22.34 -0.21 6.56
N PRO B 8 23.36 -0.89 6.04
CA PRO B 8 24.60 -0.19 5.67
C PRO B 8 24.46 0.64 4.42
N ILE B 9 25.25 1.70 4.35
CA ILE B 9 25.23 2.63 3.23
C ILE B 9 26.66 3.16 3.05
N ASN B 10 26.98 3.53 1.81
CA ASN B 10 28.24 4.18 1.51
C ASN B 10 28.10 5.65 1.92
N SER B 11 28.93 6.10 2.85
CA SER B 11 28.78 7.46 3.38
C SER B 11 29.10 8.54 2.35
N LYS B 12 29.84 8.22 1.29
CA LYS B 12 30.24 9.23 0.33
C LYS B 12 29.34 9.30 -0.90
N THR B 13 28.65 8.20 -1.23
CA THR B 13 27.84 8.15 -2.43
C THR B 13 26.36 7.97 -2.16
N GLY B 14 25.96 7.57 -0.95
CA GLY B 14 24.57 7.30 -0.65
C GLY B 14 24.04 6.05 -1.30
N VAL B 15 24.91 5.16 -1.76
CA VAL B 15 24.49 3.90 -2.36
C VAL B 15 24.45 2.81 -1.29
N LEU B 16 23.37 2.02 -1.31
CA LEU B 16 23.28 0.89 -0.39
C LEU B 16 24.26 -0.21 -0.83
N GLU B 17 25.11 -0.65 0.09
CA GLU B 17 26.10 -1.70 -0.13
C GLU B 17 26.11 -2.60 1.10
N TRP B 18 26.42 -3.87 0.89
CA TRP B 18 26.36 -4.81 2.01
C TRP B 18 27.37 -4.47 3.08
N ASN B 19 28.51 -3.89 2.71
N ASN B 19 28.50 -3.88 2.68
CA ASN B 19 29.55 -3.55 3.67
CA ASN B 19 29.59 -3.54 3.57
C ASN B 19 29.82 -2.05 3.69
C ASN B 19 29.83 -2.04 3.61
N GLY B 20 28.76 -1.26 3.61
CA GLY B 20 28.89 0.18 3.71
C GLY B 20 29.58 0.59 5.00
N ASP B 21 30.20 1.77 4.96
CA ASP B 21 30.93 2.28 6.11
C ASP B 21 30.03 3.04 7.07
N ALA B 22 28.77 3.24 6.74
CA ALA B 22 27.84 3.98 7.58
C ALA B 22 26.52 3.23 7.60
N TRP B 23 25.58 3.72 8.41
CA TRP B 23 24.26 3.12 8.52
C TRP B 23 23.20 4.18 8.23
N THR B 24 22.11 3.73 7.61
CA THR B 24 20.96 4.61 7.41
C THR B 24 19.70 3.94 7.93
N VAL B 25 18.78 4.78 8.42
CA VAL B 25 17.44 4.28 8.71
C VAL B 25 16.71 4.09 7.39
N MET B 26 15.85 3.07 7.36
CA MET B 26 14.97 2.78 6.25
C MET B 26 13.57 2.58 6.79
N PHE B 27 12.58 2.88 5.96
CA PHE B 27 11.17 2.75 6.31
C PHE B 27 10.54 1.77 5.34
N CYS B 28 9.92 0.73 5.87
CA CYS B 28 9.18 -0.25 5.06
C CYS B 28 7.70 -0.07 5.30
N ASN B 29 6.92 -0.03 4.21
CA ASN B 29 5.47 0.11 4.31
C ASN B 29 4.73 -1.12 3.78
N GLY B 30 5.42 -2.27 3.70
CA GLY B 30 4.83 -3.46 3.12
C GLY B 30 4.83 -3.49 1.61
N VAL B 31 5.14 -2.38 0.96
CA VAL B 31 5.22 -2.29 -0.49
C VAL B 31 6.66 -2.07 -0.94
N ASN B 32 7.33 -1.11 -0.33
CA ASN B 32 8.69 -0.76 -0.71
C ASN B 32 9.46 -0.41 0.56
N CYS B 33 10.79 -0.34 0.45
CA CYS B 33 11.64 0.19 1.51
C CYS B 33 12.27 1.49 1.01
N ARG B 34 12.24 2.54 1.83
CA ARG B 34 12.73 3.84 1.41
C ARG B 34 13.67 4.40 2.47
N ARG B 35 14.70 5.10 2.01
CA ARG B 35 15.65 5.65 2.97
C ARG B 35 15.02 6.79 3.75
N VAL B 36 15.30 6.82 5.05
CA VAL B 36 14.94 7.91 5.95
C VAL B 36 16.24 8.66 6.24
N SER B 37 16.35 9.90 5.75
CA SER B 37 17.64 10.61 5.78
C SER B 37 17.76 11.61 6.93
N HIS B 38 16.68 11.93 7.62
CA HIS B 38 16.68 13.01 8.60
C HIS B 38 15.90 12.54 9.81
N PRO B 39 16.32 12.89 11.02
CA PRO B 39 15.61 12.41 12.21
C PRO B 39 14.17 12.85 12.25
N ASP B 40 13.85 14.01 11.66
CA ASP B 40 12.47 14.48 11.66
C ASP B 40 11.59 13.67 10.71
N GLU B 41 12.17 13.08 9.66
CA GLU B 41 11.42 12.12 8.86
C GLU B 41 11.05 10.92 9.71
N MET B 42 12.00 10.45 10.53
CA MET B 42 11.71 9.33 11.40
C MET B 42 10.63 9.71 12.40
N LYS B 43 10.68 10.93 12.94
CA LYS B 43 9.70 11.31 13.94
C LYS B 43 8.29 11.38 13.34
N VAL B 44 8.16 11.90 12.11
CA VAL B 44 6.82 12.00 11.52
C VAL B 44 6.24 10.62 11.24
N ILE B 45 7.07 9.67 10.80
CA ILE B 45 6.60 8.30 10.62
C ILE B 45 6.13 7.71 11.95
N GLU B 46 6.96 7.84 12.99
CA GLU B 46 6.58 7.32 14.30
C GLU B 46 5.29 7.94 14.81
N ASP B 47 5.11 9.25 14.61
CA ASP B 47 3.90 9.90 15.09
C ASP B 47 2.66 9.42 14.35
N ILE B 48 2.72 9.36 13.02
CA ILE B 48 1.55 8.93 12.24
C ILE B 48 1.20 7.48 12.58
N TYR B 49 2.20 6.61 12.68
CA TYR B 49 1.93 5.23 13.05
C TYR B 49 1.20 5.16 14.39
N ARG B 50 1.71 5.89 15.39
CA ARG B 50 1.10 5.86 16.71
C ARG B 50 -0.33 6.40 16.70
N LYS B 51 -0.59 7.44 15.91
CA LYS B 51 -1.95 7.97 15.85
C LYS B 51 -2.91 7.00 15.20
N ASN B 52 -2.43 6.20 14.25
CA ASN B 52 -3.27 5.21 13.60
C ASN B 52 -3.50 4.01 14.50
N ASN B 53 -2.47 3.58 15.21
CA ASN B 53 -2.43 2.23 15.76
C ASN B 53 -2.33 2.16 17.27
N GLY B 54 -2.10 3.27 17.97
CA GLY B 54 -2.09 3.24 19.42
C GLY B 54 -0.89 2.60 20.04
N LYS B 55 0.16 2.36 19.26
CA LYS B 55 1.39 1.79 19.78
C LYS B 55 2.50 2.21 18.83
N ASP B 56 3.75 1.97 19.24
CA ASP B 56 4.90 2.42 18.48
C ASP B 56 5.15 1.55 17.26
N ILE B 57 5.66 2.17 16.20
CA ILE B 57 6.00 1.42 14.98
C ILE B 57 7.09 0.40 15.32
N PRO B 58 7.03 -0.82 14.80
CA PRO B 58 8.14 -1.76 15.02
C PRO B 58 9.45 -1.19 14.49
N PHE B 59 10.51 -1.41 15.26
CA PHE B 59 11.86 -0.96 14.92
C PHE B 59 12.83 -2.13 15.11
N TYR B 60 13.66 -2.36 14.10
CA TYR B 60 14.72 -3.36 14.22
C TYR B 60 16.04 -2.62 14.38
N SER B 61 16.71 -2.87 15.48
CA SER B 61 17.99 -2.25 15.78
C SER B 61 19.13 -3.06 15.17
N GLN B 62 20.34 -2.50 15.21
CA GLN B 62 21.48 -3.29 14.77
C GLN B 62 21.89 -4.41 15.72
N LYS B 63 21.27 -4.53 16.90
CA LYS B 63 21.41 -5.75 17.68
C LYS B 63 20.68 -6.93 17.03
N GLU B 64 19.67 -6.66 16.20
CA GLU B 64 18.91 -7.71 15.53
C GLU B 64 19.30 -7.90 14.07
N TRP B 65 19.49 -6.80 13.33
CA TRP B 65 19.80 -6.85 11.91
C TRP B 65 21.13 -6.14 11.70
N ASN B 66 22.12 -6.86 11.19
CA ASN B 66 23.46 -6.28 11.02
C ASN B 66 24.19 -7.11 9.97
N LYS B 67 25.48 -6.82 9.77
CA LYS B 67 26.18 -7.49 8.68
C LYS B 67 26.40 -8.96 8.96
N ASN B 68 26.36 -9.37 10.22
CA ASN B 68 26.47 -10.78 10.55
C ASN B 68 25.12 -11.50 10.43
N ALA B 69 24.02 -10.76 10.54
CA ALA B 69 22.66 -11.28 10.35
C ALA B 69 21.86 -10.27 9.53
N PRO B 70 22.13 -10.20 8.23
CA PRO B 70 21.56 -9.12 7.39
C PRO B 70 20.12 -9.37 6.96
N TRP B 71 19.21 -9.39 7.93
CA TRP B 71 17.81 -9.67 7.63
C TRP B 71 17.20 -8.63 6.71
N TYR B 72 17.74 -7.40 6.70
CA TYR B 72 17.27 -6.39 5.76
C TYR B 72 17.38 -6.86 4.32
N ASN B 73 18.38 -7.70 4.00
CA ASN B 73 18.46 -8.29 2.67
C ASN B 73 17.20 -9.04 2.32
N ARG B 74 16.68 -9.83 3.26
CA ARG B 74 15.46 -10.59 3.01
C ARG B 74 14.27 -9.66 2.84
N LEU B 75 14.13 -8.68 3.73
CA LEU B 75 13.01 -7.75 3.64
C LEU B 75 13.03 -7.00 2.32
N GLU B 76 14.20 -6.50 1.93
CA GLU B 76 14.34 -5.74 0.70
C GLU B 76 14.18 -6.59 -0.55
N THR B 77 14.19 -7.90 -0.43
CA THR B 77 13.85 -8.75 -1.58
C THR B 77 12.35 -8.81 -1.80
N VAL B 78 11.58 -8.83 -0.71
CA VAL B 78 10.12 -8.92 -0.81
C VAL B 78 9.45 -7.55 -0.89
N CYS B 79 10.10 -6.50 -0.37
CA CYS B 79 9.60 -5.13 -0.46
C CYS B 79 10.74 -4.29 -1.02
N PRO B 80 10.86 -4.22 -2.34
CA PRO B 80 12.09 -3.68 -2.94
C PRO B 80 12.34 -2.23 -2.57
N VAL B 81 13.63 -1.88 -2.56
N VAL B 81 13.63 -1.86 -2.54
CA VAL B 81 14.07 -0.54 -2.23
CA VAL B 81 13.99 -0.48 -2.26
C VAL B 81 13.70 0.41 -3.36
C VAL B 81 13.48 0.42 -3.39
N VAL B 82 13.23 1.61 -2.99
N VAL B 82 13.19 1.68 -3.05
CA VAL B 82 12.85 2.64 -3.95
CA VAL B 82 12.71 2.67 -4.00
C VAL B 82 13.57 3.93 -3.63
C VAL B 82 13.33 4.02 -3.64
N GLY B 83 13.74 4.76 -4.66
CA GLY B 83 14.29 6.10 -4.48
C GLY B 83 15.77 6.14 -4.15
N ILE B 84 16.47 5.02 -4.27
CA ILE B 84 17.90 4.96 -3.94
C ILE B 84 18.46 3.73 -4.64
N THR B 85 19.74 3.80 -5.01
CA THR B 85 20.36 2.71 -5.72
C THR B 85 21.04 1.77 -4.73
N LYS B 86 20.99 0.47 -5.04
CA LYS B 86 21.51 -0.56 -4.16
C LYS B 86 22.52 -1.42 -4.90
N LYS B 87 23.70 -1.59 -4.28
CA LYS B 87 24.78 -2.45 -4.74
C LYS B 87 25.13 -2.20 -6.19
N MET C 1 -4.47 -5.88 4.43
CA MET C 1 -4.71 -7.14 3.72
C MET C 1 -3.42 -7.79 3.27
N TYR C 2 -2.92 -8.69 4.10
CA TYR C 2 -1.67 -9.39 3.84
C TYR C 2 -1.92 -10.88 3.93
N CYS C 3 -1.18 -11.64 3.12
CA CYS C 3 -1.20 -13.08 3.33
C CYS C 3 0.01 -13.70 2.64
N LEU C 4 0.31 -14.92 3.03
CA LEU C 4 1.23 -15.78 2.33
C LEU C 4 0.44 -16.94 1.75
N TYR C 5 0.86 -17.41 0.57
CA TYR C 5 0.19 -18.53 -0.06
C TYR C 5 1.19 -19.26 -0.94
N GLU C 6 0.81 -20.45 -1.39
CA GLU C 6 1.63 -21.19 -2.34
C GLU C 6 0.90 -21.29 -3.67
N ARG C 7 1.66 -21.28 -4.76
CA ARG C 7 1.11 -21.40 -6.10
C ARG C 7 2.15 -22.08 -6.98
N PRO C 8 1.74 -22.61 -8.13
CA PRO C 8 2.67 -23.39 -8.96
C PRO C 8 3.69 -22.54 -9.71
N ILE C 9 4.85 -23.14 -9.93
CA ILE C 9 5.97 -22.50 -10.61
C ILE C 9 6.71 -23.56 -11.42
N ASN C 10 7.29 -23.13 -12.53
CA ASN C 10 8.16 -24.00 -13.31
C ASN C 10 9.50 -24.08 -12.62
N SER C 11 9.89 -25.28 -12.18
CA SER C 11 11.10 -25.42 -11.38
C SER C 11 12.36 -25.06 -12.15
N LYS C 12 12.31 -25.06 -13.48
CA LYS C 12 13.48 -24.84 -14.32
C LYS C 12 13.61 -23.40 -14.78
N THR C 13 12.51 -22.75 -15.14
CA THR C 13 12.55 -21.41 -15.69
C THR C 13 12.20 -20.32 -14.68
N GLY C 14 11.61 -20.70 -13.53
CA GLY C 14 11.16 -19.72 -12.58
C GLY C 14 9.92 -18.94 -12.98
N VAL C 15 9.23 -19.39 -14.03
CA VAL C 15 8.04 -18.71 -14.54
C VAL C 15 6.81 -19.27 -13.83
N LEU C 16 5.92 -18.38 -13.39
CA LEU C 16 4.65 -18.84 -12.84
C LEU C 16 3.79 -19.36 -13.96
N GLU C 17 3.26 -20.57 -13.80
CA GLU C 17 2.36 -21.14 -14.79
C GLU C 17 1.36 -22.03 -14.08
N TRP C 18 0.19 -22.22 -14.71
CA TRP C 18 -0.91 -22.89 -14.04
C TRP C 18 -0.58 -24.34 -13.73
N ASN C 19 0.27 -24.97 -14.55
CA ASN C 19 0.64 -26.36 -14.40
C ASN C 19 2.13 -26.50 -14.05
N GLY C 20 2.63 -25.60 -13.22
CA GLY C 20 4.01 -25.72 -12.77
C GLY C 20 4.24 -27.05 -12.09
N ASP C 21 5.46 -27.56 -12.23
CA ASP C 21 5.87 -28.80 -11.61
C ASP C 21 6.36 -28.62 -10.18
N ALA C 22 6.43 -27.38 -9.69
CA ALA C 22 6.82 -27.11 -8.33
C ALA C 22 5.92 -26.02 -7.75
N TRP C 23 6.16 -25.69 -6.49
CA TRP C 23 5.39 -24.69 -5.77
C TRP C 23 6.32 -23.63 -5.22
N THR C 24 5.84 -22.40 -5.18
CA THR C 24 6.56 -21.30 -4.54
C THR C 24 5.62 -20.61 -3.58
N VAL C 25 6.18 -20.09 -2.50
CA VAL C 25 5.47 -19.16 -1.63
C VAL C 25 5.40 -17.81 -2.32
N MET C 26 4.30 -17.10 -2.08
CA MET C 26 4.10 -15.75 -2.56
C MET C 26 3.57 -14.91 -1.41
N PHE C 27 3.81 -13.60 -1.49
CA PHE C 27 3.39 -12.64 -0.48
C PHE C 27 2.49 -11.62 -1.14
N CYS C 28 1.31 -11.42 -0.55
CA CYS C 28 0.36 -10.43 -1.03
C CYS C 28 0.25 -9.33 0.01
N ASN C 29 0.31 -8.08 -0.42
CA ASN C 29 0.20 -6.93 0.47
C ASN C 29 -1.05 -6.08 0.16
N GLY C 30 -2.01 -6.64 -0.55
CA GLY C 30 -3.20 -5.92 -0.96
C GLY C 30 -3.02 -5.04 -2.17
N VAL C 31 -1.78 -4.81 -2.61
CA VAL C 31 -1.46 -4.05 -3.80
C VAL C 31 -0.93 -4.96 -4.89
N ASN C 32 0.03 -5.82 -4.57
CA ASN C 32 0.59 -6.74 -5.53
C ASN C 32 0.88 -8.06 -4.84
N CYS C 33 1.20 -9.07 -5.65
CA CYS C 33 1.70 -10.35 -5.16
C CYS C 33 3.12 -10.53 -5.66
N ARG C 34 4.01 -11.02 -4.79
CA ARG C 34 5.41 -11.13 -5.14
C ARG C 34 5.94 -12.47 -4.64
N ARG C 35 6.90 -13.03 -5.38
CA ARG C 35 7.44 -14.32 -5.01
C ARG C 35 8.31 -14.22 -3.75
N VAL C 36 8.17 -15.23 -2.89
CA VAL C 36 9.03 -15.42 -1.71
C VAL C 36 9.93 -16.61 -2.04
N SER C 37 11.22 -16.38 -2.22
CA SER C 37 12.12 -17.39 -2.77
C SER C 37 12.98 -18.10 -1.73
N HIS C 38 12.95 -17.66 -0.47
CA HIS C 38 13.82 -18.23 0.54
C HIS C 38 13.07 -18.26 1.86
N PRO C 39 13.28 -19.31 2.67
CA PRO C 39 12.55 -19.39 3.96
C PRO C 39 12.79 -18.21 4.87
N ASP C 40 13.96 -17.57 4.77
CA ASP C 40 14.23 -16.41 5.63
C ASP C 40 13.48 -15.18 5.17
N GLU C 41 13.11 -15.09 3.87
CA GLU C 41 12.17 -14.06 3.47
C GLU C 41 10.81 -14.30 4.10
N MET C 42 10.37 -15.55 4.13
CA MET C 42 9.11 -15.87 4.76
C MET C 42 9.16 -15.54 6.25
N LYS C 43 10.28 -15.86 6.90
CA LYS C 43 10.39 -15.60 8.33
C LYS C 43 10.36 -14.12 8.64
N VAL C 44 11.01 -13.29 7.82
CA VAL C 44 11.02 -11.86 8.12
C VAL C 44 9.63 -11.25 7.92
N ILE C 45 8.89 -11.73 6.91
CA ILE C 45 7.52 -11.27 6.70
C ILE C 45 6.65 -11.65 7.89
N GLU C 46 6.76 -12.91 8.33
CA GLU C 46 5.99 -13.35 9.48
C GLU C 46 6.31 -12.54 10.73
N ASP C 47 7.60 -12.22 10.92
CA ASP C 47 8.01 -11.49 12.12
C ASP C 47 7.47 -10.06 12.10
N ILE C 48 7.61 -9.37 10.98
CA ILE C 48 7.12 -8.00 10.88
C ILE C 48 5.60 -7.96 11.06
N TYR C 49 4.88 -8.90 10.42
CA TYR C 49 3.44 -8.92 10.57
C TYR C 49 3.05 -9.08 12.04
N ARG C 50 3.70 -10.02 12.74
CA ARG C 50 3.39 -10.25 14.14
C ARG C 50 3.73 -9.04 15.01
N LYS C 51 4.85 -8.37 14.73
CA LYS C 51 5.19 -7.18 15.51
C LYS C 51 4.14 -6.08 15.32
N ASN C 52 3.53 -6.00 14.14
CA ASN C 52 2.53 -4.97 13.89
C ASN C 52 1.18 -5.35 14.46
N ASN C 53 0.82 -6.63 14.37
CA ASN C 53 -0.56 -7.04 14.57
C ASN C 53 -0.81 -8.00 15.71
N GLY C 54 0.24 -8.54 16.34
CA GLY C 54 0.04 -9.40 17.48
C GLY C 54 -0.56 -10.75 17.19
N LYS C 55 -0.51 -11.18 15.93
CA LYS C 55 -0.98 -12.51 15.55
C LYS C 55 -0.25 -12.90 14.27
N ASP C 56 -0.39 -14.17 13.89
CA ASP C 56 0.33 -14.69 12.73
C ASP C 56 -0.31 -14.22 11.43
N ILE C 57 0.53 -13.98 10.43
CA ILE C 57 0.03 -13.57 9.11
C ILE C 57 -0.85 -14.69 8.53
N PRO C 58 -1.96 -14.39 7.87
CA PRO C 58 -2.73 -15.46 7.23
C PRO C 58 -1.89 -16.19 6.20
N PHE C 59 -1.99 -17.52 6.22
CA PHE C 59 -1.22 -18.37 5.33
C PHE C 59 -2.19 -19.38 4.72
N TYR C 60 -2.21 -19.47 3.40
CA TYR C 60 -3.04 -20.44 2.72
C TYR C 60 -2.13 -21.56 2.22
N SER C 61 -2.37 -22.77 2.70
CA SER C 61 -1.55 -23.90 2.30
C SER C 61 -2.19 -24.59 1.11
N GLN C 62 -1.47 -25.60 0.58
CA GLN C 62 -1.97 -26.38 -0.55
C GLN C 62 -3.15 -27.26 -0.17
N LYS C 63 -3.46 -27.40 1.12
CA LYS C 63 -4.70 -28.06 1.48
C LYS C 63 -5.90 -27.21 1.07
N GLU C 64 -5.73 -25.88 1.01
CA GLU C 64 -6.83 -24.97 0.69
C GLU C 64 -6.76 -24.42 -0.73
N TRP C 65 -5.57 -24.08 -1.22
CA TRP C 65 -5.38 -23.50 -2.54
C TRP C 65 -4.46 -24.41 -3.32
N ASN C 66 -4.96 -24.96 -4.43
CA ASN C 66 -4.18 -25.91 -5.21
C ASN C 66 -4.77 -25.94 -6.61
N LYS C 67 -4.29 -26.86 -7.45
CA LYS C 67 -4.72 -26.83 -8.85
C LYS C 67 -6.18 -27.19 -9.02
N ASN C 68 -6.76 -27.92 -8.07
CA ASN C 68 -8.18 -28.21 -8.06
C ASN C 68 -9.01 -27.11 -7.42
N ALA C 69 -8.38 -26.22 -6.64
CA ALA C 69 -9.04 -25.05 -6.05
C ALA C 69 -8.08 -23.85 -6.15
N PRO C 70 -7.87 -23.35 -7.37
CA PRO C 70 -6.78 -22.37 -7.61
C PRO C 70 -7.18 -20.94 -7.23
N TRP C 71 -7.44 -20.74 -5.94
CA TRP C 71 -7.83 -19.43 -5.44
C TRP C 71 -6.76 -18.37 -5.67
N TYR C 72 -5.48 -18.78 -5.81
CA TYR C 72 -4.43 -17.83 -6.14
C TYR C 72 -4.69 -17.12 -7.46
N ASN C 73 -5.37 -17.79 -8.40
CA ASN C 73 -5.74 -17.13 -9.65
C ASN C 73 -6.63 -15.92 -9.38
N ARG C 74 -7.59 -16.06 -8.46
CA ARG C 74 -8.47 -14.95 -8.14
C ARG C 74 -7.72 -13.83 -7.44
N LEU C 75 -6.88 -14.18 -6.47
CA LEU C 75 -6.12 -13.17 -5.73
C LEU C 75 -5.19 -12.42 -6.67
N GLU C 76 -4.54 -13.14 -7.59
CA GLU C 76 -3.58 -12.47 -8.47
C GLU C 76 -4.25 -11.64 -9.54
N THR C 77 -5.55 -11.82 -9.77
CA THR C 77 -6.27 -10.90 -10.63
C THR C 77 -6.52 -9.57 -9.94
N VAL C 78 -6.85 -9.61 -8.66
CA VAL C 78 -7.14 -8.37 -7.93
C VAL C 78 -5.90 -7.70 -7.36
N CYS C 79 -4.82 -8.46 -7.15
CA CYS C 79 -3.54 -7.93 -6.67
C CYS C 79 -2.48 -8.49 -7.61
N PRO C 80 -2.23 -7.81 -8.73
CA PRO C 80 -1.41 -8.42 -9.79
C PRO C 80 -0.01 -8.78 -9.34
N VAL C 81 0.53 -9.84 -9.96
N VAL C 81 0.50 -9.88 -9.90
CA VAL C 81 1.88 -10.27 -9.64
CA VAL C 81 1.88 -10.25 -9.61
C VAL C 81 2.90 -9.31 -10.23
C VAL C 81 2.82 -9.18 -10.15
N VAL C 82 3.95 -9.01 -9.47
CA VAL C 82 5.01 -8.13 -9.93
C VAL C 82 6.36 -8.81 -9.68
N GLY C 83 7.36 -8.42 -10.47
CA GLY C 83 8.72 -8.85 -10.27
C GLY C 83 9.05 -10.24 -10.76
N ILE C 84 8.12 -10.90 -11.46
CA ILE C 84 8.33 -12.26 -11.93
C ILE C 84 7.47 -12.47 -13.16
N THR C 85 7.95 -13.29 -14.09
CA THR C 85 7.19 -13.59 -15.29
C THR C 85 6.11 -14.61 -14.97
N LYS C 86 4.94 -14.43 -15.59
CA LYS C 86 3.80 -15.29 -15.29
C LYS C 86 3.02 -15.62 -16.56
N LYS C 87 2.78 -16.92 -16.77
CA LYS C 87 1.81 -17.50 -17.70
C LYS C 87 1.42 -16.71 -18.94
N MET D 1 -1.01 3.04 7.97
CA MET D 1 -0.56 4.42 8.12
C MET D 1 -1.28 5.33 7.13
N TYR D 2 -2.27 6.04 7.64
CA TYR D 2 -3.02 6.99 6.86
C TYR D 2 -3.15 8.29 7.64
N CYS D 3 -3.22 9.40 6.90
CA CYS D 3 -3.55 10.65 7.54
C CYS D 3 -4.01 11.64 6.49
N LEU D 4 -4.71 12.65 6.96
CA LEU D 4 -5.01 13.86 6.22
C LEU D 4 -4.20 14.99 6.84
N TYR D 5 -3.74 15.93 6.01
CA TYR D 5 -2.99 17.07 6.52
C TYR D 5 -3.20 18.24 5.56
N GLU D 6 -2.75 19.42 5.98
CA GLU D 6 -2.84 20.59 5.11
C GLU D 6 -1.45 21.11 4.80
N ARG D 7 -1.29 21.69 3.61
CA ARG D 7 0.01 22.23 3.21
C ARG D 7 -0.23 23.34 2.19
N PRO D 8 0.74 24.23 2.00
CA PRO D 8 0.51 25.39 1.13
C PRO D 8 0.48 25.01 -0.34
N ILE D 9 -0.27 25.81 -1.10
CA ILE D 9 -0.43 25.64 -2.53
C ILE D 9 -0.54 27.02 -3.17
N ASN D 10 -0.08 27.13 -4.41
CA ASN D 10 -0.29 28.33 -5.20
C ASN D 10 -1.74 28.34 -5.67
N SER D 11 -2.52 29.31 -5.21
CA SER D 11 -3.95 29.35 -5.50
C SER D 11 -4.27 29.66 -6.95
N LYS D 12 -3.29 30.09 -7.74
CA LYS D 12 -3.53 30.40 -9.15
C LYS D 12 -3.02 29.32 -10.10
N THR D 13 -1.90 28.67 -9.77
CA THR D 13 -1.34 27.64 -10.63
C THR D 13 -1.60 26.23 -10.13
N GLY D 14 -2.02 26.06 -8.88
CA GLY D 14 -2.24 24.74 -8.33
C GLY D 14 -0.99 23.95 -8.00
N VAL D 15 0.16 24.61 -7.95
CA VAL D 15 1.43 23.95 -7.69
C VAL D 15 1.72 24.02 -6.20
N LEU D 16 2.22 22.91 -5.64
CA LEU D 16 2.65 22.92 -4.26
C LEU D 16 3.95 23.71 -4.14
N GLU D 17 3.95 24.71 -3.26
CA GLU D 17 5.11 25.57 -3.06
C GLU D 17 5.23 25.84 -1.57
N TRP D 18 6.48 26.06 -1.12
CA TRP D 18 6.71 26.28 0.30
C TRP D 18 5.99 27.53 0.81
N ASN D 19 5.85 28.54 -0.03
CA ASN D 19 5.21 29.80 0.36
C ASN D 19 3.91 30.05 -0.39
N GLY D 20 3.14 28.99 -0.61
CA GLY D 20 1.85 29.15 -1.24
C GLY D 20 0.97 30.13 -0.48
N ASP D 21 0.11 30.80 -1.23
CA ASP D 21 -0.81 31.77 -0.65
C ASP D 21 -2.11 31.15 -0.18
N ALA D 22 -2.30 29.85 -0.43
CA ALA D 22 -3.48 29.15 0.03
C ALA D 22 -3.05 27.78 0.53
N TRP D 23 -4.02 26.98 0.97
CA TRP D 23 -3.77 25.70 1.57
C TRP D 23 -4.64 24.64 0.93
N THR D 24 -4.11 23.42 0.84
CA THR D 24 -4.89 22.29 0.38
C THR D 24 -4.77 21.15 1.37
N VAL D 25 -5.85 20.38 1.49
CA VAL D 25 -5.77 19.10 2.18
C VAL D 25 -5.01 18.11 1.29
N MET D 26 -4.28 17.21 1.93
CA MET D 26 -3.60 16.11 1.25
C MET D 26 -3.91 14.84 2.00
N PHE D 27 -3.84 13.71 1.29
CA PHE D 27 -4.10 12.40 1.84
C PHE D 27 -2.86 11.55 1.68
N CYS D 28 -2.39 10.97 2.78
CA CYS D 28 -1.26 10.05 2.76
C CYS D 28 -1.73 8.66 3.13
N ASN D 29 -1.30 7.66 2.36
CA ASN D 29 -1.66 6.26 2.59
C ASN D 29 -0.45 5.41 2.99
N GLY D 30 0.64 6.04 3.42
CA GLY D 30 1.87 5.34 3.70
C GLY D 30 2.72 5.01 2.49
N VAL D 31 2.20 5.18 1.29
CA VAL D 31 2.93 4.98 0.05
C VAL D 31 3.20 6.31 -0.66
N ASN D 32 2.17 7.14 -0.78
CA ASN D 32 2.30 8.43 -1.46
C ASN D 32 1.41 9.43 -0.75
N CYS D 33 1.56 10.70 -1.13
CA CYS D 33 0.68 11.77 -0.69
C CYS D 33 -0.01 12.34 -1.91
N ARG D 34 -1.32 12.56 -1.80
CA ARG D 34 -2.10 13.00 -2.94
C ARG D 34 -3.01 14.15 -2.52
N ARG D 35 -3.23 15.09 -3.44
CA ARG D 35 -4.05 16.24 -3.10
C ARG D 35 -5.52 15.85 -2.98
N VAL D 36 -6.19 16.40 -1.97
CA VAL D 36 -7.62 16.23 -1.74
C VAL D 36 -8.24 17.59 -2.01
N SER D 37 -8.79 17.79 -3.21
CA SER D 37 -9.18 19.13 -3.59
C SER D 37 -10.63 19.47 -3.27
N HIS D 38 -11.44 18.49 -2.87
CA HIS D 38 -12.83 18.76 -2.61
C HIS D 38 -13.24 18.21 -1.25
N PRO D 39 -14.08 18.92 -0.50
CA PRO D 39 -14.49 18.43 0.82
C PRO D 39 -15.15 17.06 0.78
N ASP D 40 -15.82 16.70 -0.32
CA ASP D 40 -16.46 15.40 -0.39
C ASP D 40 -15.44 14.27 -0.56
N GLU D 41 -14.27 14.57 -1.13
CA GLU D 41 -13.20 13.59 -1.13
C GLU D 41 -12.70 13.34 0.28
N MET D 42 -12.58 14.41 1.08
CA MET D 42 -12.24 14.25 2.49
C MET D 42 -13.28 13.41 3.21
N LYS D 43 -14.57 13.64 2.94
CA LYS D 43 -15.62 12.92 3.63
C LYS D 43 -15.56 11.43 3.32
N VAL D 44 -15.33 11.09 2.06
CA VAL D 44 -15.33 9.68 1.68
C VAL D 44 -14.13 8.96 2.30
N ILE D 45 -12.98 9.63 2.37
CA ILE D 45 -11.81 9.08 3.05
C ILE D 45 -12.12 8.85 4.53
N GLU D 46 -12.68 9.87 5.19
CA GLU D 46 -13.03 9.73 6.60
C GLU D 46 -14.01 8.59 6.83
N ASP D 47 -15.00 8.43 5.94
CA ASP D 47 -16.01 7.39 6.12
C ASP D 47 -15.41 5.99 5.98
N ILE D 48 -14.60 5.79 4.95
CA ILE D 48 -13.97 4.48 4.73
C ILE D 48 -13.03 4.14 5.86
N TYR D 49 -12.21 5.11 6.29
CA TYR D 49 -11.30 4.84 7.40
C TYR D 49 -12.06 4.40 8.65
N ARG D 50 -13.15 5.11 8.97
CA ARG D 50 -13.92 4.77 10.16
C ARG D 50 -14.55 3.39 10.05
N LYS D 51 -15.03 3.04 8.84
CA LYS D 51 -15.62 1.72 8.66
C LYS D 51 -14.59 0.61 8.83
N ASN D 52 -13.34 0.86 8.45
CA ASN D 52 -12.29 -0.15 8.60
C ASN D 52 -11.79 -0.22 10.02
N ASN D 53 -11.65 0.93 10.68
CA ASN D 53 -10.85 1.03 11.88
C ASN D 53 -11.60 1.43 13.12
N GLY D 54 -12.86 1.86 13.00
CA GLY D 54 -13.65 2.17 14.18
C GLY D 54 -13.20 3.41 14.92
N LYS D 55 -12.41 4.26 14.28
CA LYS D 55 -12.02 5.55 14.83
C LYS D 55 -11.77 6.50 13.68
N ASP D 56 -11.59 7.78 13.99
CA ASP D 56 -11.39 8.80 12.96
C ASP D 56 -9.96 8.77 12.42
N ILE D 57 -9.83 9.07 11.13
CA ILE D 57 -8.50 9.13 10.51
C ILE D 57 -7.69 10.25 11.14
N PRO D 58 -6.41 10.05 11.43
CA PRO D 58 -5.60 11.18 11.94
C PRO D 58 -5.58 12.34 10.96
N PHE D 59 -5.75 13.55 11.49
CA PHE D 59 -5.73 14.77 10.71
C PHE D 59 -4.74 15.72 11.37
N TYR D 60 -3.80 16.24 10.60
CA TYR D 60 -2.89 17.27 11.08
C TYR D 60 -3.37 18.59 10.50
N SER D 61 -3.87 19.46 11.35
CA SER D 61 -4.37 20.75 10.92
C SER D 61 -3.22 21.77 10.90
N GLN D 62 -3.54 22.98 10.44
CA GLN D 62 -2.56 24.06 10.43
C GLN D 62 -2.18 24.52 11.82
N LYS D 63 -2.90 24.09 12.85
CA LYS D 63 -2.46 24.34 14.21
C LYS D 63 -1.10 23.69 14.46
N GLU D 64 -0.89 22.50 13.87
CA GLU D 64 0.29 21.68 14.10
C GLU D 64 1.31 21.77 12.98
N TRP D 65 0.86 21.76 11.74
CA TRP D 65 1.74 21.75 10.57
C TRP D 65 1.48 23.02 9.78
N ASN D 66 2.51 23.85 9.64
CA ASN D 66 2.35 25.14 8.99
C ASN D 66 3.73 25.63 8.56
N LYS D 67 3.81 26.85 8.02
CA LYS D 67 5.08 27.31 7.47
C LYS D 67 6.15 27.49 8.54
N ASN D 68 5.75 27.66 9.80
CA ASN D 68 6.71 27.74 10.89
C ASN D 68 7.01 26.38 11.51
N ALA D 69 6.27 25.34 11.11
CA ALA D 69 6.54 23.95 11.52
C ALA D 69 6.16 23.05 10.35
N PRO D 70 6.95 23.07 9.27
CA PRO D 70 6.51 22.45 8.00
C PRO D 70 6.75 20.94 7.96
N TRP D 71 6.08 20.23 8.88
CA TRP D 71 6.23 18.78 8.97
C TRP D 71 5.82 18.05 7.69
N TYR D 72 4.94 18.67 6.87
CA TYR D 72 4.57 18.08 5.59
C TYR D 72 5.78 17.86 4.70
N ASN D 73 6.82 18.68 4.84
CA ASN D 73 8.04 18.47 4.08
C ASN D 73 8.66 17.11 4.40
N ARG D 74 8.65 16.73 5.69
CA ARG D 74 9.22 15.47 6.08
C ARG D 74 8.36 14.31 5.62
N LEU D 75 7.03 14.42 5.76
CA LEU D 75 6.16 13.33 5.31
C LEU D 75 6.25 13.12 3.81
N GLU D 76 6.24 14.21 3.04
CA GLU D 76 6.32 14.11 1.58
C GLU D 76 7.68 13.62 1.09
N THR D 77 8.72 13.63 1.94
CA THR D 77 9.97 12.97 1.57
C THR D 77 9.86 11.46 1.69
N VAL D 78 9.17 10.98 2.71
CA VAL D 78 9.08 9.54 2.92
C VAL D 78 7.91 8.90 2.18
N CYS D 79 6.89 9.69 1.83
CA CYS D 79 5.74 9.25 1.05
C CYS D 79 5.56 10.29 -0.04
N PRO D 80 6.26 10.14 -1.18
CA PRO D 80 6.32 11.23 -2.16
C PRO D 80 4.96 11.59 -2.73
N VAL D 81 4.84 12.87 -3.08
CA VAL D 81 3.62 13.38 -3.67
C VAL D 81 3.44 12.77 -5.06
N VAL D 82 2.19 12.47 -5.42
CA VAL D 82 1.86 11.98 -6.75
C VAL D 82 0.66 12.74 -7.25
N GLY D 83 0.54 12.83 -8.58
CA GLY D 83 -0.63 13.41 -9.22
C GLY D 83 -0.66 14.92 -9.28
N ILE D 84 0.39 15.61 -8.83
CA ILE D 84 0.42 17.07 -8.82
C ILE D 84 1.88 17.48 -8.82
N THR D 85 2.16 18.68 -9.34
CA THR D 85 3.52 19.17 -9.40
C THR D 85 3.87 19.94 -8.13
N LYS D 86 5.15 19.82 -7.73
CA LYS D 86 5.60 20.34 -6.45
C LYS D 86 6.91 21.08 -6.65
N LYS D 87 7.03 22.22 -5.94
CA LYS D 87 8.22 23.08 -5.89
C LYS D 87 9.55 22.45 -6.26
#